data_1H0C
#
_entry.id   1H0C
#
_cell.length_a   90.330
_cell.length_b   90.330
_cell.length_c   142.010
_cell.angle_alpha   90.00
_cell.angle_beta   90.00
_cell.angle_gamma   90.00
#
_symmetry.space_group_name_H-M   'P 41 21 2'
#
loop_
_entity.id
_entity.type
_entity.pdbx_description
1 polymer 'SERINE--GLYOXYLATE AMINOTRANSFERASE'
2 non-polymer "PYRIDOXAL-5'-PHOSPHATE"
3 non-polymer '(AMINOOXY)ACETIC ACID'
4 non-polymer GLYCEROL
5 water water
#
_entity_poly.entity_id   1
_entity_poly.type   'polypeptide(L)'
_entity_poly.pdbx_seq_one_letter_code
;MASHKLLVTPPKALLKPLSIPNQLLLGPGPSNLPPRIMAAGGLQMIGSMSKDMYQIMDEIKEGIQYVFQTRNPLTLVISG
SGHCALEAALVNVLEPGDSFLVGANGIWGQRAVDIGERIGARVHPMTKDPGGHYTLQEVEEGLAQHKPVLLFLTHGESST
GVLQPLDGFGELCHRYKCLLLVDSVASLGGTPLYMDRQGIDILYSGSQKALNAPPGTSLISFSDKAKKKMYSRKTKPFSF
YLDIKWLANFWGCDDQPRMYHHTIPVISLYSLRESLALIAEQGLENSWRQHREAAAYLHGRLQALGLQLFVKDPALRLPT
VTTVAVPAGYDWRDIVSYVIDHFDIEIMGGLGPSTGKVLRIGLLGCNATRENVDRVTEALRAALQHCPKKKL
;
_entity_poly.pdbx_strand_id   A
#
# COMPACT_ATOMS: atom_id res chain seq x y z
N HIS A 4 20.98 -39.54 -22.25
CA HIS A 4 22.13 -38.70 -22.70
C HIS A 4 21.64 -37.28 -23.03
N LYS A 5 20.45 -37.17 -23.63
CA LYS A 5 19.88 -35.89 -24.05
C LYS A 5 19.41 -34.90 -22.97
N LEU A 6 18.68 -33.90 -23.43
CA LEU A 6 18.11 -32.88 -22.57
C LEU A 6 16.66 -33.33 -22.36
N LEU A 7 16.26 -33.49 -21.10
CA LEU A 7 14.90 -33.91 -20.80
C LEU A 7 13.85 -32.97 -21.35
N VAL A 8 13.96 -31.69 -21.02
CA VAL A 8 12.94 -30.72 -21.47
C VAL A 8 13.27 -30.02 -22.79
N THR A 9 12.28 -29.89 -23.64
CA THR A 9 12.48 -29.23 -24.91
C THR A 9 11.96 -27.79 -24.81
N PRO A 10 12.50 -26.87 -25.61
CA PRO A 10 12.05 -25.48 -25.55
C PRO A 10 10.53 -25.39 -25.54
N PRO A 11 9.93 -24.75 -24.54
CA PRO A 11 8.46 -24.65 -24.50
C PRO A 11 7.82 -23.95 -25.75
N LYS A 12 6.85 -24.62 -26.35
CA LYS A 12 6.15 -24.10 -27.53
C LYS A 12 5.56 -22.70 -27.29
N ALA A 13 4.91 -22.51 -26.15
CA ALA A 13 4.27 -21.24 -25.80
C ALA A 13 5.25 -20.07 -25.81
N LEU A 14 6.48 -20.33 -25.40
CA LEU A 14 7.51 -19.31 -25.35
C LEU A 14 7.98 -18.93 -26.73
N LEU A 15 7.76 -19.81 -27.70
CA LEU A 15 8.22 -19.53 -29.06
C LEU A 15 7.27 -18.56 -29.74
N LYS A 16 6.22 -18.21 -29.01
CA LYS A 16 5.27 -17.25 -29.54
C LYS A 16 5.62 -15.89 -28.95
N PRO A 17 5.07 -14.84 -29.53
CA PRO A 17 5.29 -13.47 -29.08
C PRO A 17 4.46 -13.20 -27.82
N LEU A 18 4.98 -12.34 -26.94
CA LEU A 18 4.29 -11.94 -25.72
C LEU A 18 3.09 -11.01 -26.13
N SER A 19 1.87 -11.31 -25.72
CA SER A 19 0.75 -10.43 -26.08
C SER A 19 -0.11 -10.08 -24.88
N ILE A 20 -0.20 -8.80 -24.53
CA ILE A 20 -0.98 -8.50 -23.35
C ILE A 20 -2.26 -7.71 -23.65
N PRO A 21 -3.40 -8.13 -23.07
CA PRO A 21 -4.69 -7.47 -23.27
C PRO A 21 -4.69 -6.03 -22.74
N ASN A 22 -5.57 -5.19 -23.23
CA ASN A 22 -5.60 -3.84 -22.70
C ASN A 22 -6.72 -3.91 -21.67
N GLN A 23 -6.38 -3.64 -20.41
CA GLN A 23 -7.36 -3.65 -19.32
C GLN A 23 -7.31 -2.33 -18.52
N LEU A 24 -8.47 -1.81 -18.18
CA LEU A 24 -8.57 -0.57 -17.43
C LEU A 24 -8.64 -1.04 -15.98
N LEU A 25 -7.54 -0.80 -15.24
CA LEU A 25 -7.44 -1.26 -13.86
C LEU A 25 -8.07 -0.30 -12.85
N LEU A 26 -9.26 -0.67 -12.40
CA LEU A 26 -10.02 0.14 -11.47
C LEU A 26 -10.37 -0.63 -10.22
N GLY A 27 -9.44 -1.46 -9.74
CA GLY A 27 -9.62 -2.21 -8.52
C GLY A 27 -8.62 -1.68 -7.50
N PRO A 28 -8.48 -2.33 -6.33
CA PRO A 28 -7.53 -1.87 -5.32
C PRO A 28 -6.03 -1.97 -5.65
N GLY A 29 -5.67 -2.28 -6.89
CA GLY A 29 -4.26 -2.37 -7.26
C GLY A 29 -3.95 -3.68 -7.96
N PRO A 30 -2.95 -3.72 -8.83
CA PRO A 30 -2.09 -2.60 -9.23
C PRO A 30 -2.94 -1.66 -10.09
N SER A 31 -2.38 -0.51 -10.42
CA SER A 31 -3.08 0.45 -11.23
C SER A 31 -2.35 0.60 -12.57
N ASN A 32 -3.02 1.23 -13.51
CA ASN A 32 -2.44 1.51 -14.83
C ASN A 32 -1.29 2.47 -14.75
N LEU A 33 -0.38 2.36 -15.71
CA LEU A 33 0.78 3.19 -15.76
C LEU A 33 0.71 4.35 -16.81
N PRO A 34 1.01 5.58 -16.37
CA PRO A 34 1.01 6.72 -17.27
C PRO A 34 2.09 6.46 -18.30
N PRO A 35 2.06 7.18 -19.44
CA PRO A 35 3.05 7.01 -20.50
C PRO A 35 4.47 7.20 -20.06
N ARG A 36 4.68 8.15 -19.13
CA ARG A 36 6.02 8.45 -18.63
C ARG A 36 6.65 7.29 -17.81
N ILE A 37 5.81 6.55 -17.10
CA ILE A 37 6.31 5.45 -16.30
C ILE A 37 6.70 4.32 -17.26
N MET A 38 5.83 4.04 -18.24
CA MET A 38 6.18 3.00 -19.23
C MET A 38 7.49 3.31 -19.95
N ALA A 39 7.72 4.56 -20.29
CA ALA A 39 8.95 4.92 -20.97
C ALA A 39 10.16 4.61 -20.07
N ALA A 40 9.97 4.85 -18.77
CA ALA A 40 10.98 4.63 -17.75
C ALA A 40 11.26 3.11 -17.68
N GLY A 41 10.20 2.35 -17.85
CA GLY A 41 10.36 0.90 -17.82
C GLY A 41 11.18 0.33 -18.95
N GLY A 42 11.21 1.00 -20.12
CA GLY A 42 11.95 0.49 -21.26
C GLY A 42 13.37 0.98 -21.45
N LEU A 43 13.95 1.61 -20.44
CA LEU A 43 15.30 2.11 -20.61
C LEU A 43 16.36 1.02 -20.39
N GLN A 44 17.56 1.27 -20.89
CA GLN A 44 18.64 0.33 -20.79
C GLN A 44 19.10 0.30 -19.34
N MET A 45 19.91 -0.68 -19.00
CA MET A 45 20.40 -0.87 -17.65
C MET A 45 21.71 -0.11 -17.30
N ILE A 46 21.88 0.27 -16.04
CA ILE A 46 23.16 0.87 -15.64
C ILE A 46 23.70 0.04 -14.47
N GLY A 47 24.93 0.29 -14.06
CA GLY A 47 25.52 -0.47 -12.96
C GLY A 47 24.79 -0.24 -11.64
N SER A 48 24.48 -1.32 -10.93
CA SER A 48 23.75 -1.22 -9.66
C SER A 48 24.49 -0.47 -8.58
N MET A 49 25.76 -0.21 -8.80
CA MET A 49 26.55 0.52 -7.82
C MET A 49 27.29 1.67 -8.44
N SER A 50 26.84 2.09 -9.61
CA SER A 50 27.46 3.20 -10.30
C SER A 50 27.13 4.53 -9.59
N LYS A 51 27.86 5.59 -9.91
CA LYS A 51 27.59 6.86 -9.28
C LYS A 51 26.18 7.35 -9.70
N ASP A 52 25.81 7.06 -10.94
CA ASP A 52 24.50 7.44 -11.46
C ASP A 52 23.34 6.73 -10.79
N MET A 53 23.53 5.45 -10.49
CA MET A 53 22.49 4.70 -9.77
C MET A 53 22.29 5.35 -8.39
N TYR A 54 23.37 5.76 -7.74
CA TYR A 54 23.26 6.37 -6.42
C TYR A 54 22.52 7.68 -6.49
N GLN A 55 22.80 8.45 -7.52
CA GLN A 55 22.13 9.73 -7.72
C GLN A 55 20.62 9.52 -7.82
N ILE A 56 20.20 8.51 -8.59
CA ILE A 56 18.77 8.23 -8.80
C ILE A 56 18.21 7.78 -7.47
N MET A 57 19.05 7.06 -6.73
CA MET A 57 18.69 6.58 -5.39
C MET A 57 18.48 7.75 -4.42
N ASP A 58 19.37 8.72 -4.44
CA ASP A 58 19.16 9.85 -3.57
C ASP A 58 17.86 10.60 -3.94
N GLU A 59 17.62 10.78 -5.26
CA GLU A 59 16.41 11.48 -5.68
C GLU A 59 15.16 10.77 -5.18
N ILE A 60 15.17 9.44 -5.21
CA ILE A 60 14.02 8.68 -4.75
C ILE A 60 13.85 8.89 -3.25
N LYS A 61 14.97 9.04 -2.54
CA LYS A 61 14.90 9.26 -1.12
C LYS A 61 14.23 10.60 -0.84
N GLU A 62 14.71 11.63 -1.50
CA GLU A 62 14.11 12.97 -1.36
C GLU A 62 12.64 12.86 -1.74
N GLY A 63 12.37 11.99 -2.72
CA GLY A 63 11.02 11.74 -3.18
C GLY A 63 10.19 11.12 -2.08
N ILE A 64 10.73 10.15 -1.35
CA ILE A 64 9.94 9.54 -0.26
C ILE A 64 9.70 10.50 0.93
N GLN A 65 10.68 11.35 1.24
CA GLN A 65 10.60 12.30 2.33
C GLN A 65 9.46 13.25 2.04
N TYR A 66 9.35 13.69 0.79
CA TYR A 66 8.29 14.55 0.36
C TYR A 66 6.88 13.91 0.42
N VAL A 67 6.69 12.72 -0.13
CA VAL A 67 5.33 12.12 -0.09
C VAL A 67 4.95 11.62 1.30
N PHE A 68 5.96 11.32 2.10
CA PHE A 68 5.72 10.94 3.48
C PHE A 68 5.67 12.22 4.32
N GLN A 69 6.42 13.24 3.94
CA GLN A 69 6.46 14.46 4.72
C GLN A 69 7.25 14.12 6.02
N THR A 70 8.55 13.95 5.85
CA THR A 70 9.45 13.63 6.93
C THR A 70 10.85 14.02 6.52
N ARG A 71 11.73 14.10 7.50
CA ARG A 71 13.11 14.42 7.20
C ARG A 71 13.98 13.27 7.69
N ASN A 72 13.33 12.18 8.12
CA ASN A 72 14.06 10.99 8.62
C ASN A 72 15.19 10.56 7.70
N PRO A 73 16.42 10.48 8.24
CA PRO A 73 17.56 10.05 7.40
C PRO A 73 17.37 8.58 7.06
N LEU A 74 16.73 7.84 7.97
CA LEU A 74 16.54 6.46 7.68
C LEU A 74 15.27 6.30 6.81
N THR A 75 15.43 6.68 5.53
CA THR A 75 14.38 6.57 4.52
C THR A 75 14.87 5.89 3.22
N LEU A 76 14.14 4.86 2.77
CA LEU A 76 14.55 4.15 1.58
C LEU A 76 13.49 3.18 0.97
N VAL A 77 13.92 2.54 -0.12
CA VAL A 77 13.07 1.61 -0.87
C VAL A 77 13.33 0.15 -0.51
N ILE A 78 12.28 -0.62 -0.32
CA ILE A 78 12.46 -2.04 -0.04
C ILE A 78 12.29 -2.76 -1.39
N SER A 79 13.25 -3.59 -1.75
CA SER A 79 13.18 -4.33 -3.02
C SER A 79 12.26 -5.46 -2.85
N GLY A 80 10.99 -5.17 -2.63
CA GLY A 80 9.95 -6.18 -2.52
C GLY A 80 8.62 -5.42 -2.58
N SER A 81 7.50 -6.14 -2.53
CA SER A 81 6.17 -5.55 -2.59
C SER A 81 5.74 -5.03 -1.22
N GLY A 82 4.49 -4.56 -1.12
CA GLY A 82 3.93 -4.04 0.13
C GLY A 82 4.24 -4.92 1.35
N HIS A 83 3.85 -6.20 1.29
CA HIS A 83 4.15 -7.17 2.37
C HIS A 83 5.59 -7.12 2.80
N CYS A 84 6.45 -7.16 1.82
CA CYS A 84 7.87 -7.16 2.08
C CYS A 84 8.31 -5.92 2.89
N ALA A 85 7.59 -4.81 2.75
CA ALA A 85 7.96 -3.62 3.54
C ALA A 85 7.42 -3.81 4.99
N LEU A 86 6.22 -4.36 5.11
CA LEU A 86 5.64 -4.64 6.41
C LEU A 86 6.60 -5.59 7.14
N GLU A 87 6.94 -6.68 6.47
CA GLU A 87 7.84 -7.66 7.04
C GLU A 87 9.17 -7.01 7.41
N ALA A 88 9.75 -6.21 6.54
CA ALA A 88 10.99 -5.57 6.93
C ALA A 88 10.78 -4.66 8.19
N ALA A 89 9.59 -4.09 8.31
CA ALA A 89 9.31 -3.21 9.44
C ALA A 89 9.34 -4.02 10.73
N LEU A 90 8.46 -5.04 10.75
CA LEU A 90 8.28 -5.91 11.90
C LEU A 90 9.52 -6.71 12.28
N VAL A 91 10.18 -7.33 11.31
CA VAL A 91 11.36 -8.15 11.57
C VAL A 91 12.55 -7.37 12.10
N ASN A 92 12.59 -6.06 11.91
CA ASN A 92 13.72 -5.31 12.44
C ASN A 92 13.43 -4.55 13.74
N VAL A 93 12.15 -4.30 14.01
CA VAL A 93 11.74 -3.57 15.21
C VAL A 93 11.40 -4.58 16.32
N LEU A 94 10.49 -5.50 16.03
CA LEU A 94 10.11 -6.51 17.00
C LEU A 94 11.20 -7.57 17.22
N GLU A 95 11.56 -7.79 18.49
CA GLU A 95 12.54 -8.81 18.90
C GLU A 95 11.65 -9.87 19.49
N PRO A 96 12.00 -11.16 19.33
CA PRO A 96 11.20 -12.28 19.86
C PRO A 96 10.55 -12.04 21.26
N GLY A 97 9.24 -12.27 21.34
CA GLY A 97 8.51 -12.04 22.59
C GLY A 97 8.53 -10.56 22.91
N ASP A 98 7.76 -9.76 22.16
CA ASP A 98 7.76 -8.33 22.40
C ASP A 98 6.45 -7.65 22.66
N SER A 99 5.34 -8.31 22.41
CA SER A 99 4.08 -7.62 22.67
C SER A 99 3.99 -6.59 21.57
N PHE A 100 3.00 -6.83 20.72
CA PHE A 100 2.75 -6.05 19.54
C PHE A 100 1.25 -5.91 19.54
N LEU A 101 0.76 -4.68 19.58
CA LEU A 101 -0.67 -4.46 19.56
C LEU A 101 -1.05 -4.24 18.10
N VAL A 102 -2.03 -4.97 17.60
CA VAL A 102 -2.36 -4.83 16.19
C VAL A 102 -3.78 -4.40 15.84
N GLY A 103 -3.88 -3.29 15.12
CA GLY A 103 -5.19 -2.84 14.70
C GLY A 103 -5.68 -3.80 13.61
N ALA A 104 -6.23 -4.93 14.04
CA ALA A 104 -6.70 -5.93 13.11
C ALA A 104 -8.16 -5.78 12.75
N ASN A 105 -8.45 -4.91 11.78
CA ASN A 105 -9.81 -4.66 11.32
C ASN A 105 -9.91 -4.94 9.82
N GLY A 106 -8.83 -5.47 9.25
CA GLY A 106 -8.82 -5.80 7.83
C GLY A 106 -7.84 -6.93 7.62
N ILE A 107 -7.73 -7.43 6.39
CA ILE A 107 -6.80 -8.52 6.12
C ILE A 107 -5.41 -8.07 6.50
N TRP A 108 -5.18 -6.76 6.47
CA TRP A 108 -3.85 -6.24 6.78
C TRP A 108 -3.40 -6.43 8.22
N GLY A 109 -4.32 -6.26 9.18
CA GLY A 109 -3.96 -6.45 10.56
C GLY A 109 -3.73 -7.93 10.67
N GLN A 110 -4.60 -8.68 9.99
CA GLN A 110 -4.47 -10.12 10.01
C GLN A 110 -3.04 -10.46 9.56
N ARG A 111 -2.58 -9.84 8.48
CA ARG A 111 -1.23 -10.12 8.02
C ARG A 111 -0.17 -9.70 9.04
N ALA A 112 -0.42 -8.59 9.71
CA ALA A 112 0.54 -8.13 10.71
C ALA A 112 0.64 -9.12 11.89
N VAL A 113 -0.46 -9.81 12.23
CA VAL A 113 -0.38 -10.76 13.35
C VAL A 113 0.53 -11.94 12.98
N ASP A 114 0.19 -12.54 11.85
CA ASP A 114 0.88 -13.68 11.26
C ASP A 114 2.40 -13.42 11.24
N ILE A 115 2.79 -12.32 10.62
CA ILE A 115 4.20 -12.02 10.58
C ILE A 115 4.71 -11.95 12.02
N GLY A 116 4.09 -11.11 12.84
CA GLY A 116 4.48 -10.98 14.26
C GLY A 116 4.63 -12.33 14.99
N GLU A 117 3.63 -13.20 14.87
CA GLU A 117 3.72 -14.51 15.48
C GLU A 117 4.99 -15.20 14.96
N ARG A 118 5.07 -15.37 13.64
CA ARG A 118 6.21 -16.02 13.00
C ARG A 118 7.56 -15.57 13.49
N ILE A 119 7.68 -14.31 13.89
CA ILE A 119 8.98 -13.86 14.36
C ILE A 119 9.09 -13.64 15.87
N GLY A 120 8.02 -13.97 16.62
CA GLY A 120 7.98 -13.81 18.08
C GLY A 120 7.20 -12.59 18.59
N VAL A 123 2.05 -11.01 20.82
CA VAL A 123 1.19 -10.36 19.82
C VAL A 123 -0.26 -10.20 20.30
N HIS A 124 -0.80 -8.98 20.23
CA HIS A 124 -2.16 -8.73 20.71
C HIS A 124 -3.21 -8.20 19.71
N PRO A 125 -4.00 -9.13 19.16
CA PRO A 125 -5.06 -8.90 18.16
C PRO A 125 -6.24 -8.04 18.59
N MET A 126 -5.99 -6.74 18.69
CA MET A 126 -7.04 -5.80 19.03
C MET A 126 -8.07 -5.86 17.89
N THR A 127 -8.81 -6.96 17.82
CA THR A 127 -9.80 -7.22 16.77
C THR A 127 -11.00 -6.30 16.65
N LYS A 128 -11.54 -6.22 15.44
CA LYS A 128 -12.71 -5.42 15.07
C LYS A 128 -13.46 -6.20 13.99
N ASP A 129 -14.36 -5.54 13.29
CA ASP A 129 -15.12 -6.16 12.23
C ASP A 129 -14.91 -5.33 10.97
N PRO A 130 -14.94 -5.99 9.81
CA PRO A 130 -14.75 -5.24 8.56
C PRO A 130 -15.71 -4.05 8.52
N GLY A 131 -15.15 -2.85 8.43
CA GLY A 131 -15.96 -1.66 8.38
C GLY A 131 -15.68 -0.79 9.59
N GLY A 132 -15.06 -1.38 10.62
CA GLY A 132 -14.76 -0.62 11.81
C GLY A 132 -13.38 -0.01 11.83
N HIS A 133 -13.18 0.99 12.69
CA HIS A 133 -11.87 1.64 12.83
C HIS A 133 -11.51 1.72 14.31
N TYR A 134 -10.41 2.38 14.65
CA TYR A 134 -10.02 2.43 16.03
C TYR A 134 -9.99 3.79 16.69
N THR A 135 -10.76 3.91 17.76
CA THR A 135 -10.82 5.16 18.49
C THR A 135 -9.63 5.33 19.39
N LEU A 136 -9.22 6.59 19.47
CA LEU A 136 -8.11 7.07 20.27
C LEU A 136 -8.30 6.44 21.65
N GLN A 137 -9.58 6.28 21.99
CA GLN A 137 -9.99 5.69 23.25
C GLN A 137 -9.44 4.26 23.30
N GLU A 138 -10.06 3.40 22.50
CA GLU A 138 -9.70 1.99 22.42
C GLU A 138 -8.21 1.63 22.37
N VAL A 139 -7.38 2.46 21.76
CA VAL A 139 -5.97 2.12 21.70
C VAL A 139 -5.26 2.33 23.04
N GLU A 140 -5.75 3.25 23.86
CA GLU A 140 -5.14 3.44 25.17
C GLU A 140 -5.47 2.16 25.92
N GLU A 141 -6.72 1.74 25.79
CA GLU A 141 -7.14 0.53 26.47
C GLU A 141 -6.22 -0.62 26.09
N GLY A 142 -5.79 -0.63 24.82
CA GLY A 142 -4.90 -1.69 24.38
C GLY A 142 -3.51 -1.43 24.90
N LEU A 143 -3.05 -0.21 24.73
CA LEU A 143 -1.73 0.13 25.21
C LEU A 143 -1.66 -0.10 26.71
N ALA A 144 -2.85 -0.12 27.33
CA ALA A 144 -3.01 -0.31 28.78
C ALA A 144 -2.55 -1.67 29.25
N GLN A 145 -3.34 -2.67 28.92
CA GLN A 145 -3.04 -4.05 29.30
C GLN A 145 -1.61 -4.48 28.99
N HIS A 146 -1.35 -4.68 27.71
CA HIS A 146 -0.07 -5.18 27.20
C HIS A 146 1.13 -4.27 27.09
N LYS A 147 0.93 -2.96 27.22
CA LYS A 147 2.05 -2.00 27.12
C LYS A 147 3.09 -2.50 26.11
N PRO A 148 2.65 -2.78 24.87
CA PRO A 148 3.46 -3.28 23.75
C PRO A 148 4.48 -2.28 23.34
N VAL A 149 5.56 -2.76 22.75
CA VAL A 149 6.62 -1.86 22.31
C VAL A 149 6.33 -1.25 20.94
N LEU A 150 5.31 -1.75 20.27
CA LEU A 150 4.94 -1.25 18.95
C LEU A 150 3.51 -1.53 18.65
N LEU A 151 2.86 -0.56 18.01
CA LEU A 151 1.46 -0.71 17.59
C LEU A 151 1.38 -0.66 16.04
N PHE A 152 0.46 -1.42 15.49
CA PHE A 152 0.27 -1.45 14.06
C PHE A 152 -1.10 -0.95 13.64
N LEU A 153 -1.11 0.07 12.78
CA LEU A 153 -2.35 0.65 12.27
C LEU A 153 -2.39 0.82 10.74
N THR A 154 -3.49 0.41 10.15
CA THR A 154 -3.72 0.56 8.72
C THR A 154 -4.34 1.94 8.47
N HIS A 155 -3.67 2.80 7.72
CA HIS A 155 -4.23 4.12 7.41
C HIS A 155 -5.33 3.89 6.39
N GLY A 156 -5.00 3.31 5.24
CA GLY A 156 -6.02 3.06 4.22
C GLY A 156 -6.31 1.59 4.10
N GLU A 157 -7.34 1.12 4.78
CA GLU A 157 -7.70 -0.30 4.76
C GLU A 157 -8.35 -0.65 3.43
N SER A 158 -7.55 -1.09 2.48
CA SER A 158 -8.07 -1.39 1.13
C SER A 158 -9.01 -2.59 1.00
N SER A 159 -9.04 -3.43 2.02
CA SER A 159 -9.92 -4.60 1.98
C SER A 159 -11.31 -4.28 2.55
N THR A 160 -11.48 -3.13 3.20
CA THR A 160 -12.80 -2.71 3.75
C THR A 160 -13.28 -1.31 3.30
N GLY A 161 -12.34 -0.48 2.84
CA GLY A 161 -12.71 0.85 2.38
C GLY A 161 -12.69 1.91 3.48
N VAL A 162 -12.20 1.52 4.66
CA VAL A 162 -12.13 2.38 5.81
C VAL A 162 -10.89 3.27 5.89
N LEU A 163 -11.10 4.58 5.99
CA LEU A 163 -10.01 5.55 6.14
C LEU A 163 -9.83 5.71 7.65
N GLN A 164 -8.66 5.36 8.16
CA GLN A 164 -8.43 5.44 9.59
C GLN A 164 -7.68 6.67 10.06
N PRO A 165 -8.30 7.43 10.98
CA PRO A 165 -7.77 8.67 11.58
C PRO A 165 -6.51 8.33 12.37
N LEU A 166 -5.52 9.20 12.28
CA LEU A 166 -4.22 9.01 12.91
C LEU A 166 -3.77 10.20 13.76
N ASP A 167 -4.46 11.34 13.65
CA ASP A 167 -4.04 12.50 14.44
C ASP A 167 -4.07 12.10 15.91
N GLY A 168 -3.03 12.53 16.65
CA GLY A 168 -2.98 12.20 18.07
C GLY A 168 -2.31 10.89 18.45
N PHE A 169 -2.71 9.78 17.81
CA PHE A 169 -2.12 8.46 18.10
C PHE A 169 -0.60 8.53 18.30
N GLY A 170 0.05 9.38 17.52
CA GLY A 170 1.50 9.53 17.67
C GLY A 170 1.78 9.64 19.16
N GLU A 171 1.15 10.62 19.81
CA GLU A 171 1.33 10.84 21.24
C GLU A 171 0.74 9.74 22.12
N LEU A 172 -0.49 9.34 21.83
CA LEU A 172 -1.12 8.28 22.64
C LEU A 172 -0.27 7.01 22.69
N CYS A 173 0.77 6.94 21.84
CA CYS A 173 1.67 5.79 21.80
C CYS A 173 3.00 6.13 22.46
N HIS A 174 3.55 7.29 22.14
CA HIS A 174 4.80 7.74 22.69
C HIS A 174 4.57 7.89 24.19
N ARG A 175 3.30 8.10 24.53
CA ARG A 175 2.83 8.22 25.90
C ARG A 175 3.28 6.97 26.63
N TYR A 176 2.79 5.82 26.17
CA TYR A 176 3.12 4.53 26.75
C TYR A 176 4.44 3.99 26.27
N LYS A 177 5.37 4.87 25.89
CA LYS A 177 6.69 4.44 25.42
C LYS A 177 6.58 3.44 24.27
N CYS A 178 5.52 3.60 23.47
CA CYS A 178 5.26 2.71 22.35
C CYS A 178 5.50 3.34 20.97
N LEU A 179 6.05 2.53 20.06
CA LEU A 179 6.33 2.96 18.68
C LEU A 179 5.07 2.86 17.84
N LEU A 180 4.85 3.83 16.95
CA LEU A 180 3.68 3.75 16.08
C LEU A 180 4.04 3.31 14.65
N LEU A 181 3.47 2.21 14.20
CA LEU A 181 3.71 1.68 12.85
C LEU A 181 2.47 1.88 11.97
N VAL A 182 2.63 2.58 10.84
CA VAL A 182 1.47 2.81 9.96
C VAL A 182 1.60 2.30 8.51
N ASP A 183 0.54 1.69 8.03
CA ASP A 183 0.48 1.16 6.66
C ASP A 183 -0.18 2.21 5.73
N SER A 184 0.59 2.90 4.89
CA SER A 184 -0.11 3.82 4.01
C SER A 184 0.04 3.34 2.58
N VAL A 185 -0.14 2.04 2.35
CA VAL A 185 0.01 1.52 1.00
C VAL A 185 -1.08 2.04 0.05
N ALA A 186 -2.33 2.04 0.53
CA ALA A 186 -3.47 2.49 -0.25
C ALA A 186 -3.86 3.96 -0.01
N SER A 187 -3.39 4.53 1.08
CA SER A 187 -3.69 5.92 1.40
C SER A 187 -2.71 6.92 0.83
N LEU A 188 -1.45 6.54 0.68
CA LEU A 188 -0.49 7.51 0.19
C LEU A 188 -0.86 8.15 -1.16
N GLY A 189 -0.79 9.49 -1.20
CA GLY A 189 -1.12 10.25 -2.39
C GLY A 189 -2.59 10.51 -2.56
N GLY A 190 -3.43 9.76 -1.86
CA GLY A 190 -4.86 9.89 -1.98
C GLY A 190 -5.60 10.58 -0.83
N THR A 191 -4.97 10.67 0.33
CA THR A 191 -5.56 11.32 1.49
C THR A 191 -4.38 11.91 2.23
N PRO A 192 -4.60 12.98 3.01
CA PRO A 192 -3.52 13.62 3.76
C PRO A 192 -2.80 12.70 4.74
N LEU A 193 -1.49 12.87 4.85
CA LEU A 193 -0.68 12.07 5.72
C LEU A 193 0.57 12.90 6.00
N TYR A 194 0.98 12.97 7.25
CA TYR A 194 2.20 13.72 7.57
C TYR A 194 2.89 12.88 8.59
N MET A 195 3.94 12.18 8.17
CA MET A 195 4.66 11.31 9.08
C MET A 195 5.13 12.02 10.36
N ASP A 196 6.00 13.01 10.21
CA ASP A 196 6.52 13.73 11.38
C ASP A 196 5.42 14.38 12.23
N ARG A 197 4.72 15.36 11.67
CA ARG A 197 3.68 16.05 12.42
C ARG A 197 2.68 15.11 13.08
N GLN A 198 2.61 13.86 12.65
CA GLN A 198 1.66 12.95 13.26
C GLN A 198 2.34 11.94 14.16
N GLY A 199 3.62 12.19 14.38
CA GLY A 199 4.42 11.33 15.19
C GLY A 199 4.41 9.85 14.86
N ILE A 200 4.39 9.51 13.57
CA ILE A 200 4.42 8.10 13.19
C ILE A 200 5.88 7.66 13.23
N ASP A 201 6.15 6.46 13.72
CA ASP A 201 7.53 5.98 13.84
C ASP A 201 8.09 5.21 12.65
N ILE A 202 7.24 4.37 12.08
CA ILE A 202 7.60 3.66 10.89
C ILE A 202 6.39 3.81 9.95
N LEU A 203 6.69 4.27 8.75
CA LEU A 203 5.67 4.45 7.73
C LEU A 203 6.07 3.65 6.45
N TYR A 204 5.14 2.87 5.91
CA TYR A 204 5.47 2.19 4.66
C TYR A 204 4.33 2.29 3.68
N SER A 205 4.71 2.28 2.41
CA SER A 205 3.74 2.33 1.31
C SER A 205 4.16 1.45 0.10
N GLY A 206 3.20 1.16 -0.78
CA GLY A 206 3.47 0.38 -1.99
C GLY A 206 3.71 1.30 -3.20
N SER A 207 4.29 0.79 -4.27
CA SER A 207 4.57 1.62 -5.45
C SER A 207 3.49 1.60 -6.56
N GLN A 208 2.62 0.61 -6.48
CA GLN A 208 1.62 0.35 -7.48
C GLN A 208 0.20 0.84 -7.20
N LYS A 209 0.02 1.62 -6.14
CA LYS A 209 -1.30 2.12 -5.84
C LYS A 209 -1.41 3.56 -6.41
N ALA A 210 -1.73 4.57 -5.60
CA ALA A 210 -1.87 5.91 -6.16
C ALA A 210 -0.64 6.42 -6.87
N LEU A 211 0.52 5.85 -6.59
CA LEU A 211 1.71 6.37 -7.25
C LEU A 211 1.84 5.94 -8.73
N ASN A 212 1.09 4.92 -9.11
CA ASN A 212 1.08 4.43 -10.48
C ASN A 212 2.44 3.95 -10.96
N ALA A 213 3.19 3.26 -10.10
CA ALA A 213 4.47 2.72 -10.52
C ALA A 213 4.26 1.20 -10.63
N PRO A 214 5.09 0.48 -11.40
CA PRO A 214 4.80 -0.96 -11.44
C PRO A 214 5.01 -1.59 -10.04
N PRO A 215 4.31 -2.69 -9.75
CA PRO A 215 4.43 -3.36 -8.44
C PRO A 215 5.80 -4.00 -8.23
N GLY A 216 6.17 -4.24 -6.97
CA GLY A 216 7.46 -4.88 -6.72
C GLY A 216 8.37 -4.08 -5.83
N THR A 217 8.21 -2.76 -5.73
CA THR A 217 9.03 -2.04 -4.78
C THR A 217 8.13 -1.46 -3.66
N SER A 218 8.75 -0.95 -2.61
CA SER A 218 7.93 -0.38 -1.54
C SER A 218 8.75 0.70 -0.82
N LEU A 219 8.06 1.63 -0.18
CA LEU A 219 8.72 2.77 0.48
C LEU A 219 8.67 2.65 2.01
N ILE A 220 9.75 3.02 2.67
CA ILE A 220 9.75 2.90 4.11
C ILE A 220 10.53 4.02 4.76
N SER A 221 10.08 4.45 5.94
CA SER A 221 10.79 5.48 6.69
C SER A 221 10.72 5.24 8.19
N PHE A 222 11.87 5.44 8.85
CA PHE A 222 11.97 5.25 10.30
C PHE A 222 12.32 6.51 11.07
N SER A 223 11.58 6.73 12.15
CA SER A 223 11.88 7.88 13.02
C SER A 223 13.12 7.53 13.84
N ASP A 224 13.82 8.57 14.30
CA ASP A 224 15.01 8.43 15.13
C ASP A 224 14.75 7.48 16.31
N LYS A 225 13.50 7.44 16.75
CA LYS A 225 13.09 6.61 17.84
C LYS A 225 13.15 5.16 17.39
N ALA A 226 12.35 4.77 16.39
CA ALA A 226 12.36 3.39 15.86
C ALA A 226 13.78 3.01 15.39
N LYS A 227 14.51 4.01 14.94
CA LYS A 227 15.87 3.82 14.49
C LYS A 227 16.72 3.31 15.67
N LYS A 228 16.75 4.06 16.77
CA LYS A 228 17.51 3.63 17.92
C LYS A 228 17.15 2.21 18.39
N LYS A 229 15.88 1.84 18.42
CA LYS A 229 15.57 0.49 18.85
C LYS A 229 16.22 -0.52 17.89
N MET A 230 16.19 -0.23 16.60
CA MET A 230 16.77 -1.15 15.63
C MET A 230 18.27 -1.32 15.74
N TYR A 231 18.99 -0.22 15.99
CA TYR A 231 20.44 -0.30 16.06
C TYR A 231 20.96 -0.74 17.42
N SER A 232 20.08 -1.22 18.28
CA SER A 232 20.55 -1.65 19.56
C SER A 232 19.73 -2.81 20.07
N ARG A 233 19.38 -3.71 19.17
CA ARG A 233 18.68 -4.90 19.59
C ARG A 233 19.85 -5.86 19.76
N LYS A 234 19.69 -6.93 20.54
CA LYS A 234 20.84 -7.81 20.70
C LYS A 234 20.82 -8.99 19.73
N THR A 235 19.62 -9.31 19.26
CA THR A 235 19.40 -10.38 18.29
C THR A 235 19.56 -9.77 16.89
N LYS A 236 20.00 -10.60 15.95
CA LYS A 236 20.12 -10.20 14.54
C LYS A 236 18.78 -10.61 14.00
N PRO A 237 18.15 -9.74 13.19
CA PRO A 237 16.85 -10.06 12.62
C PRO A 237 16.93 -11.35 11.80
N PHE A 238 15.86 -12.15 11.83
CA PHE A 238 15.85 -13.42 11.12
C PHE A 238 16.20 -13.34 9.63
N SER A 239 15.87 -12.21 9.00
CA SER A 239 16.16 -11.97 7.61
C SER A 239 17.45 -11.22 7.33
N PHE A 240 18.16 -11.65 6.30
CA PHE A 240 19.36 -10.97 5.87
C PHE A 240 18.92 -9.99 4.74
N TYR A 241 18.03 -10.47 3.88
CA TYR A 241 17.56 -9.66 2.76
C TYR A 241 16.87 -8.37 3.23
N LEU A 242 16.27 -8.42 4.42
CA LEU A 242 15.56 -7.28 4.97
C LEU A 242 16.28 -6.59 6.10
N ASP A 243 17.57 -6.88 6.29
CA ASP A 243 18.30 -6.26 7.39
C ASP A 243 18.56 -4.78 7.14
N ILE A 244 17.89 -3.92 7.91
CA ILE A 244 18.00 -2.47 7.78
C ILE A 244 19.41 -1.93 7.98
N LYS A 245 20.23 -2.65 8.74
CA LYS A 245 21.59 -2.22 8.96
C LYS A 245 22.32 -2.21 7.63
N TRP A 246 22.09 -3.26 6.85
CA TRP A 246 22.72 -3.40 5.52
C TRP A 246 22.03 -2.49 4.51
N LEU A 247 20.70 -2.55 4.57
CA LEU A 247 19.80 -1.80 3.72
C LEU A 247 20.10 -0.31 3.87
N ALA A 248 20.09 0.20 5.11
CA ALA A 248 20.37 1.64 5.35
C ALA A 248 21.71 2.08 4.76
N ASN A 249 22.73 1.27 4.99
CA ASN A 249 24.06 1.57 4.51
C ASN A 249 24.09 1.66 2.98
N PHE A 250 23.45 0.71 2.29
CA PHE A 250 23.49 0.77 0.85
C PHE A 250 22.80 2.04 0.34
N TRP A 251 21.65 2.35 0.96
CA TRP A 251 20.91 3.54 0.57
C TRP A 251 21.51 4.87 0.99
N GLY A 252 22.75 4.82 1.48
CA GLY A 252 23.44 6.04 1.89
C GLY A 252 22.90 6.72 3.15
N CYS A 253 22.24 5.97 4.01
CA CYS A 253 21.73 6.60 5.22
C CYS A 253 22.81 6.67 6.35
N ASP A 254 23.93 5.93 6.19
CA ASP A 254 25.07 5.83 7.14
C ASP A 254 26.20 6.82 6.96
N ASP A 255 27.22 6.57 7.80
CA ASP A 255 28.46 7.34 7.77
C ASP A 255 29.47 6.53 6.98
N GLN A 256 29.10 5.30 6.62
CA GLN A 256 30.04 4.47 5.87
C GLN A 256 29.84 4.40 4.34
N PRO A 257 30.90 4.06 3.60
CA PRO A 257 30.81 3.96 2.13
C PRO A 257 29.79 2.87 1.81
N ARG A 258 29.04 3.05 0.75
CA ARG A 258 28.02 2.08 0.37
C ARG A 258 28.64 0.72 0.08
N MET A 259 28.19 -0.28 0.81
CA MET A 259 28.73 -1.62 0.65
C MET A 259 27.69 -2.53 0.00
N TYR A 260 28.14 -3.40 -0.90
CA TYR A 260 27.24 -4.32 -1.60
C TYR A 260 26.43 -5.22 -0.72
N HIS A 261 25.12 -5.11 -0.81
CA HIS A 261 24.23 -5.95 -0.04
C HIS A 261 23.55 -6.90 -1.00
N HIS A 262 22.62 -6.38 -1.79
CA HIS A 262 21.95 -7.21 -2.81
C HIS A 262 21.81 -6.29 -4.03
N THR A 263 21.48 -6.86 -5.19
CA THR A 263 21.31 -6.07 -6.40
C THR A 263 19.92 -5.46 -6.47
N ILE A 264 19.87 -4.15 -6.35
CA ILE A 264 18.56 -3.48 -6.39
C ILE A 264 17.87 -3.64 -7.74
N PRO A 265 16.53 -3.58 -7.74
CA PRO A 265 15.79 -3.71 -8.99
C PRO A 265 15.86 -2.33 -9.79
N VAL A 266 17.03 -2.06 -10.36
CA VAL A 266 17.37 -0.88 -11.15
C VAL A 266 16.23 -0.38 -12.09
N ILE A 267 15.74 -1.21 -12.99
CA ILE A 267 14.68 -0.73 -13.86
C ILE A 267 13.47 -0.25 -13.07
N SER A 268 13.08 -0.98 -12.05
CA SER A 268 11.93 -0.56 -11.24
C SER A 268 12.24 0.76 -10.52
N LEU A 269 13.51 1.02 -10.21
CA LEU A 269 13.84 2.27 -9.52
C LEU A 269 13.65 3.48 -10.50
N TYR A 270 14.03 3.30 -11.80
CA TYR A 270 13.83 4.32 -12.84
C TYR A 270 12.33 4.73 -12.81
N SER A 271 11.47 3.72 -12.90
CA SER A 271 10.01 3.92 -12.88
C SER A 271 9.49 4.58 -11.60
N LEU A 272 9.98 4.12 -10.44
CA LEU A 272 9.54 4.71 -9.15
C LEU A 272 10.00 6.19 -9.08
N ARG A 273 11.21 6.46 -9.55
CA ARG A 273 11.73 7.81 -9.57
C ARG A 273 10.77 8.73 -10.39
N GLU A 274 10.40 8.30 -11.59
CA GLU A 274 9.51 9.08 -12.43
C GLU A 274 8.10 9.22 -11.84
N SER A 275 7.69 8.27 -11.03
CA SER A 275 6.36 8.37 -10.50
C SER A 275 6.38 9.35 -9.32
N LEU A 276 7.55 9.48 -8.68
CA LEU A 276 7.75 10.41 -7.57
C LEU A 276 7.91 11.81 -8.15
N ALA A 277 8.55 11.90 -9.30
CA ALA A 277 8.71 13.15 -10.01
C ALA A 277 7.31 13.67 -10.37
N LEU A 278 6.45 12.74 -10.81
CA LEU A 278 5.10 13.08 -11.21
C LEU A 278 4.24 13.71 -10.15
N ILE A 279 4.24 13.12 -8.95
CA ILE A 279 3.44 13.66 -7.87
C ILE A 279 4.13 14.94 -7.36
N ALA A 280 5.46 15.04 -7.51
CA ALA A 280 6.15 16.24 -7.09
C ALA A 280 5.76 17.44 -7.97
N GLU A 281 5.50 17.18 -9.26
CA GLU A 281 5.07 18.21 -10.22
C GLU A 281 3.63 18.61 -9.94
N GLN A 282 2.77 17.65 -9.63
CA GLN A 282 1.38 17.93 -9.31
C GLN A 282 1.23 18.55 -7.90
N GLY A 283 1.90 17.97 -6.90
CA GLY A 283 1.81 18.47 -5.56
C GLY A 283 0.89 17.63 -4.74
N LEU A 284 1.31 17.24 -3.53
CA LEU A 284 0.44 16.42 -2.69
C LEU A 284 -0.98 16.96 -2.46
N GLU A 285 -1.07 18.26 -2.24
CA GLU A 285 -2.37 18.90 -1.98
C GLU A 285 -3.32 18.77 -3.18
N ASN A 286 -2.81 18.93 -4.39
CA ASN A 286 -3.72 18.69 -5.53
C ASN A 286 -4.05 17.18 -5.64
N SER A 287 -3.05 16.30 -5.55
CA SER A 287 -3.37 14.90 -5.64
C SER A 287 -4.43 14.54 -4.62
N TRP A 288 -4.35 15.13 -3.41
CA TRP A 288 -5.35 14.87 -2.35
C TRP A 288 -6.74 15.39 -2.76
N ARG A 289 -6.75 16.52 -3.43
CA ARG A 289 -7.99 17.12 -3.88
C ARG A 289 -8.59 16.27 -5.03
N GLN A 290 -7.75 15.86 -5.99
CA GLN A 290 -8.20 15.03 -7.10
C GLN A 290 -8.92 13.75 -6.62
N HIS A 291 -8.27 12.97 -5.75
CA HIS A 291 -8.86 11.75 -5.25
C HIS A 291 -10.13 11.95 -4.46
N ARG A 292 -10.19 13.01 -3.66
CA ARG A 292 -11.36 13.28 -2.82
C ARG A 292 -12.55 13.57 -3.74
N GLU A 293 -12.31 14.43 -4.72
CA GLU A 293 -13.31 14.79 -5.72
C GLU A 293 -13.80 13.58 -6.55
N ALA A 294 -12.88 12.73 -7.00
CA ALA A 294 -13.29 11.59 -7.77
C ALA A 294 -14.08 10.66 -6.87
N ALA A 295 -13.59 10.40 -5.67
CA ALA A 295 -14.30 9.52 -4.76
C ALA A 295 -15.72 10.05 -4.52
N ALA A 296 -15.85 11.37 -4.39
CA ALA A 296 -17.18 11.96 -4.17
C ALA A 296 -18.09 11.71 -5.39
N TYR A 297 -17.58 11.98 -6.60
CA TYR A 297 -18.32 11.75 -7.84
C TYR A 297 -18.75 10.29 -7.93
N LEU A 298 -17.81 9.37 -7.71
CA LEU A 298 -18.12 7.94 -7.77
C LEU A 298 -19.19 7.51 -6.77
N HIS A 299 -19.17 8.09 -5.58
CA HIS A 299 -20.14 7.72 -4.57
C HIS A 299 -21.53 8.11 -5.03
N GLY A 300 -21.64 9.32 -5.56
CA GLY A 300 -22.92 9.79 -6.07
C GLY A 300 -23.48 8.79 -7.05
N ARG A 301 -22.79 8.60 -8.17
CA ARG A 301 -23.23 7.69 -9.20
C ARG A 301 -23.65 6.29 -8.72
N LEU A 302 -22.86 5.67 -7.86
CA LEU A 302 -23.19 4.33 -7.36
C LEU A 302 -24.52 4.33 -6.62
N GLN A 303 -24.72 5.28 -5.71
CA GLN A 303 -25.97 5.33 -4.97
C GLN A 303 -27.13 5.55 -5.93
N ALA A 304 -26.86 6.27 -7.01
CA ALA A 304 -27.86 6.49 -8.02
C ALA A 304 -28.18 5.16 -8.72
N LEU A 305 -27.20 4.25 -8.80
CA LEU A 305 -27.44 2.98 -9.46
C LEU A 305 -28.23 2.04 -8.58
N GLY A 306 -28.37 2.40 -7.31
CA GLY A 306 -29.12 1.57 -6.39
C GLY A 306 -28.28 0.82 -5.37
N LEU A 307 -26.98 0.74 -5.63
CA LEU A 307 -26.07 0.04 -4.72
C LEU A 307 -25.85 0.89 -3.48
N GLN A 308 -25.51 0.26 -2.37
CA GLN A 308 -25.27 1.04 -1.17
C GLN A 308 -23.83 0.90 -0.72
N LEU A 309 -23.28 1.96 -0.14
CA LEU A 309 -21.91 1.96 0.30
C LEU A 309 -21.66 1.21 1.59
N PHE A 310 -20.75 0.25 1.55
CA PHE A 310 -20.42 -0.55 2.71
C PHE A 310 -20.15 0.29 3.95
N VAL A 311 -19.33 1.33 3.77
CA VAL A 311 -18.95 2.25 4.83
C VAL A 311 -19.97 3.39 4.99
N LYS A 312 -20.85 3.26 5.97
CA LYS A 312 -21.85 4.29 6.22
C LYS A 312 -21.22 5.39 7.08
N ASP A 313 -20.87 6.50 6.43
CA ASP A 313 -20.24 7.68 7.03
C ASP A 313 -19.06 8.08 6.15
N PRO A 314 -19.26 9.10 5.32
CA PRO A 314 -18.28 9.64 4.38
C PRO A 314 -16.90 9.96 4.94
N ALA A 315 -16.86 10.42 6.19
CA ALA A 315 -15.59 10.77 6.81
C ALA A 315 -14.68 9.54 6.96
N LEU A 316 -15.30 8.37 7.03
CA LEU A 316 -14.51 7.15 7.17
C LEU A 316 -14.24 6.39 5.86
N ARG A 317 -14.58 6.98 4.72
CA ARG A 317 -14.40 6.33 3.43
C ARG A 317 -13.07 6.60 2.72
N LEU A 318 -12.30 5.54 2.56
CA LEU A 318 -11.03 5.65 1.89
C LEU A 318 -11.27 6.11 0.43
N PRO A 319 -10.80 7.31 0.07
CA PRO A 319 -10.97 7.84 -1.27
C PRO A 319 -10.49 6.86 -2.35
N THR A 320 -9.27 6.38 -2.15
CA THR A 320 -8.65 5.47 -3.10
C THR A 320 -9.31 4.09 -3.30
N VAL A 321 -10.03 3.59 -2.32
CA VAL A 321 -10.66 2.29 -2.50
C VAL A 321 -12.03 2.34 -1.87
N THR A 322 -13.06 2.22 -2.70
CA THR A 322 -14.43 2.26 -2.21
C THR A 322 -14.99 0.88 -2.14
N THR A 323 -15.68 0.59 -1.03
CA THR A 323 -16.32 -0.70 -0.83
C THR A 323 -17.84 -0.59 -0.94
N VAL A 324 -18.39 -1.14 -2.03
CA VAL A 324 -19.83 -1.14 -2.28
C VAL A 324 -20.35 -2.47 -1.73
N ALA A 325 -21.57 -2.50 -1.22
CA ALA A 325 -22.11 -3.75 -0.69
C ALA A 325 -22.68 -4.53 -1.84
N VAL A 326 -22.47 -5.84 -1.84
CA VAL A 326 -22.99 -6.66 -2.93
C VAL A 326 -24.51 -6.61 -2.93
N PRO A 327 -25.12 -6.33 -4.09
CA PRO A 327 -26.57 -6.23 -4.28
C PRO A 327 -27.37 -7.54 -4.12
N ALA A 328 -28.56 -7.36 -3.55
CA ALA A 328 -29.57 -8.37 -3.29
C ALA A 328 -29.42 -9.83 -3.78
N GLY A 329 -30.07 -10.15 -4.89
CA GLY A 329 -29.99 -11.51 -5.39
C GLY A 329 -28.96 -11.65 -6.48
N TYR A 330 -27.75 -11.20 -6.16
CA TYR A 330 -26.66 -11.25 -7.11
C TYR A 330 -25.49 -12.07 -6.61
N ASP A 331 -24.79 -12.70 -7.55
CA ASP A 331 -23.60 -13.47 -7.22
C ASP A 331 -22.53 -12.48 -7.65
N TRP A 332 -21.79 -11.93 -6.70
CA TRP A 332 -20.78 -10.93 -7.07
C TRP A 332 -19.88 -11.32 -8.23
N ARG A 333 -19.44 -12.58 -8.23
CA ARG A 333 -18.57 -13.12 -9.27
C ARG A 333 -19.10 -12.78 -10.69
N ASP A 334 -20.42 -12.89 -10.90
CA ASP A 334 -20.95 -12.59 -12.22
C ASP A 334 -20.68 -11.12 -12.55
N ILE A 335 -20.91 -10.24 -11.58
CA ILE A 335 -20.71 -8.83 -11.79
C ILE A 335 -19.26 -8.55 -12.19
N VAL A 336 -18.32 -9.01 -11.39
CA VAL A 336 -16.90 -8.79 -11.69
C VAL A 336 -16.55 -9.35 -13.08
N SER A 337 -17.00 -10.58 -13.36
CA SER A 337 -16.73 -11.21 -14.66
C SER A 337 -17.36 -10.39 -15.78
N TYR A 338 -18.60 -9.98 -15.57
CA TYR A 338 -19.32 -9.21 -16.57
C TYR A 338 -18.55 -7.96 -16.96
N VAL A 339 -18.01 -7.26 -15.96
CA VAL A 339 -17.26 -6.04 -16.19
C VAL A 339 -15.95 -6.28 -16.95
N ILE A 340 -15.17 -7.26 -16.52
CA ILE A 340 -13.89 -7.51 -17.19
C ILE A 340 -14.15 -8.16 -18.54
N ASP A 341 -15.22 -8.96 -18.64
CA ASP A 341 -15.55 -9.60 -19.92
C ASP A 341 -16.15 -8.68 -20.97
N HIS A 342 -17.14 -7.87 -20.58
CA HIS A 342 -17.80 -6.98 -21.55
C HIS A 342 -17.24 -5.56 -21.72
N PHE A 343 -16.49 -5.08 -20.73
CA PHE A 343 -15.90 -3.73 -20.81
C PHE A 343 -14.36 -3.65 -20.62
N ASP A 344 -13.73 -4.80 -20.41
CA ASP A 344 -12.28 -4.84 -20.21
C ASP A 344 -11.88 -4.05 -18.95
N ILE A 345 -12.76 -4.00 -17.97
CA ILE A 345 -12.41 -3.25 -16.79
C ILE A 345 -12.28 -4.15 -15.58
N GLU A 346 -11.23 -3.94 -14.81
CA GLU A 346 -11.10 -4.73 -13.62
C GLU A 346 -11.58 -4.01 -12.34
N ILE A 347 -12.35 -4.74 -11.52
CA ILE A 347 -12.80 -4.28 -10.21
C ILE A 347 -12.78 -5.60 -9.44
N MET A 348 -12.72 -5.57 -8.12
CA MET A 348 -12.65 -6.79 -7.32
C MET A 348 -13.83 -7.03 -6.40
N GLY A 349 -13.70 -8.06 -5.58
CA GLY A 349 -14.72 -8.40 -4.61
C GLY A 349 -14.04 -8.19 -3.27
N GLY A 350 -14.48 -8.91 -2.26
CA GLY A 350 -13.88 -8.79 -0.95
C GLY A 350 -12.46 -9.30 -0.95
N LEU A 351 -11.88 -9.37 0.24
CA LEU A 351 -10.51 -9.82 0.41
C LEU A 351 -10.42 -10.06 1.90
N GLY A 352 -10.14 -11.30 2.28
CA GLY A 352 -10.07 -11.61 3.70
C GLY A 352 -11.47 -11.52 4.30
N PRO A 353 -11.62 -10.79 5.41
CA PRO A 353 -12.89 -10.58 6.13
C PRO A 353 -14.04 -10.02 5.28
N SER A 354 -13.71 -9.27 4.24
CA SER A 354 -14.76 -8.69 3.41
C SER A 354 -15.13 -9.56 2.23
N THR A 355 -14.51 -10.75 2.15
CA THR A 355 -14.75 -11.66 1.03
C THR A 355 -16.23 -11.89 0.74
N GLY A 356 -16.62 -11.73 -0.53
CA GLY A 356 -18.00 -11.94 -0.93
C GLY A 356 -19.04 -11.01 -0.34
N LYS A 357 -18.62 -10.09 0.52
CA LYS A 357 -19.56 -9.16 1.14
C LYS A 357 -19.64 -7.89 0.30
N VAL A 358 -18.58 -7.61 -0.43
CA VAL A 358 -18.51 -6.38 -1.18
C VAL A 358 -17.82 -6.47 -2.52
N LEU A 359 -17.81 -5.31 -3.18
CA LEU A 359 -17.12 -5.13 -4.44
C LEU A 359 -16.21 -3.97 -4.07
N ARG A 360 -15.00 -3.96 -4.62
CA ARG A 360 -14.10 -2.89 -4.33
C ARG A 360 -13.75 -2.19 -5.64
N ILE A 361 -13.95 -0.86 -5.65
CA ILE A 361 -13.62 -0.05 -6.81
C ILE A 361 -12.50 0.85 -6.40
N GLY A 362 -11.41 0.81 -7.17
CA GLY A 362 -10.26 1.62 -6.84
C GLY A 362 -10.12 2.82 -7.76
N LEU A 363 -9.73 3.95 -7.16
CA LEU A 363 -9.50 5.21 -7.84
C LEU A 363 -8.06 5.61 -7.51
N LEU A 364 -7.13 5.43 -8.45
CA LEU A 364 -5.74 5.70 -8.09
C LEU A 364 -4.90 6.47 -9.05
N GLY A 365 -4.30 7.54 -8.51
CA GLY A 365 -3.43 8.40 -9.27
C GLY A 365 -4.06 8.85 -10.57
N CYS A 366 -3.37 8.58 -11.67
CA CYS A 366 -3.83 8.92 -12.99
C CYS A 366 -5.20 8.28 -13.37
N ASN A 367 -5.64 7.25 -12.64
CA ASN A 367 -6.94 6.62 -12.93
C ASN A 367 -8.06 7.21 -12.06
N ALA A 368 -7.72 8.07 -11.09
CA ALA A 368 -8.76 8.67 -10.25
C ALA A 368 -9.34 9.89 -11.01
N THR A 369 -10.17 9.61 -11.99
CA THR A 369 -10.79 10.66 -12.81
C THR A 369 -12.29 10.46 -12.96
N ARG A 370 -12.96 11.54 -13.33
CA ARG A 370 -14.41 11.46 -13.52
C ARG A 370 -14.69 10.60 -14.73
N GLU A 371 -13.81 10.70 -15.74
CA GLU A 371 -13.95 9.93 -16.94
C GLU A 371 -14.08 8.44 -16.59
N ASN A 372 -13.14 7.90 -15.79
CA ASN A 372 -13.20 6.49 -15.42
C ASN A 372 -14.34 6.21 -14.47
N VAL A 373 -14.78 7.20 -13.73
CA VAL A 373 -15.91 6.94 -12.84
C VAL A 373 -17.14 6.73 -13.73
N ASP A 374 -17.15 7.42 -14.87
CA ASP A 374 -18.22 7.32 -15.86
C ASP A 374 -18.23 5.89 -16.42
N ARG A 375 -17.06 5.47 -16.88
CA ARG A 375 -16.90 4.13 -17.43
C ARG A 375 -17.29 3.02 -16.45
N VAL A 376 -16.79 3.05 -15.23
CA VAL A 376 -17.16 1.96 -14.34
C VAL A 376 -18.62 2.05 -13.95
N THR A 377 -19.24 3.22 -14.07
CA THR A 377 -20.65 3.34 -13.73
C THR A 377 -21.51 2.66 -14.80
N GLU A 378 -21.25 2.99 -16.05
CA GLU A 378 -22.02 2.40 -17.13
C GLU A 378 -21.67 0.94 -17.30
N ALA A 379 -20.58 0.50 -16.69
CA ALA A 379 -20.19 -0.91 -16.81
C ALA A 379 -21.04 -1.65 -15.79
N LEU A 380 -21.01 -1.13 -14.57
CA LEU A 380 -21.74 -1.70 -13.46
C LEU A 380 -23.23 -1.73 -13.72
N ARG A 381 -23.79 -0.62 -14.19
CA ARG A 381 -25.21 -0.56 -14.52
C ARG A 381 -25.50 -1.76 -15.46
N ALA A 382 -24.79 -1.81 -16.59
CA ALA A 382 -24.95 -2.90 -17.56
C ALA A 382 -24.98 -4.24 -16.86
N ALA A 383 -23.96 -4.51 -16.06
CA ALA A 383 -23.91 -5.77 -15.35
C ALA A 383 -25.24 -5.96 -14.61
N LEU A 384 -25.61 -4.98 -13.81
CA LEU A 384 -26.83 -5.01 -13.00
C LEU A 384 -28.09 -5.47 -13.72
N GLN A 385 -28.21 -5.13 -15.00
CA GLN A 385 -29.38 -5.50 -15.76
C GLN A 385 -29.26 -6.82 -16.53
N HIS A 386 -28.03 -7.28 -16.79
CA HIS A 386 -27.84 -8.53 -17.50
C HIS A 386 -27.37 -9.72 -16.66
N CYS A 387 -26.92 -9.50 -15.43
CA CYS A 387 -26.47 -10.63 -14.61
C CYS A 387 -27.60 -11.26 -13.83
N PRO A 388 -27.61 -12.60 -13.76
CA PRO A 388 -28.64 -13.38 -13.04
C PRO A 388 -29.01 -12.71 -11.73
N LYS A 389 -30.25 -12.90 -11.29
CA LYS A 389 -30.71 -12.30 -10.03
C LYS A 389 -31.86 -13.07 -9.40
N LYS A 390 -31.63 -13.58 -8.20
CA LYS A 390 -32.65 -14.34 -7.49
C LYS A 390 -33.76 -13.41 -7.01
N LYS A 391 -33.41 -12.41 -6.36
#